data_1VE2
#
_entry.id   1VE2
#
_cell.length_a   54.609
_cell.length_b   87.924
_cell.length_c   91.602
_cell.angle_alpha   90.00
_cell.angle_beta   90.00
_cell.angle_gamma   90.00
#
_symmetry.space_group_name_H-M   'P 21 21 21'
#
loop_
_entity.id
_entity.type
_entity.pdbx_description
1 polymer 'Uroporphyrin-III C-methyltransferase'
2 water water
#
_entity_poly.entity_id   1
_entity_poly.type   'polypeptide(L)'
_entity_poly.pdbx_seq_one_letter_code
;MRGKVYLVGAGFGGPEHLTLKALRVLEVAEVVLHDRLVHPGVLALAKGELVPVGKEGYGGKTPQEAITARLIALAREGRV
VARLKGGDPMVFGRGGEEALALRRAGIPFEVVPGVTSAVGALSALGLPLTHRGLARSFAVATGHDPALPLPRADTLVLLM
PLHTLGGLKERLLERFPPETPLALLARVGWPGEAVRLGRVEDLPGLGEGLPSPALLVVGKVVGLYGELLPKDHGL
;
_entity_poly.pdbx_strand_id   A,B
#
# COMPACT_ATOMS: atom_id res chain seq x y z
N MET A 1 31.62 -2.02 -5.29
CA MET A 1 31.53 -0.93 -4.29
C MET A 1 31.10 -1.48 -2.93
N ARG A 2 31.54 -0.81 -1.87
CA ARG A 2 31.18 -1.22 -0.51
C ARG A 2 29.95 -0.39 -0.15
N GLY A 3 29.93 0.84 -0.66
CA GLY A 3 28.83 1.74 -0.40
C GLY A 3 27.53 1.22 -0.98
N LYS A 4 26.44 1.54 -0.31
CA LYS A 4 25.13 1.11 -0.76
C LYS A 4 24.07 1.96 -0.07
N VAL A 5 22.99 2.22 -0.79
CA VAL A 5 21.92 3.03 -0.23
C VAL A 5 20.62 2.25 -0.24
N TYR A 6 19.90 2.31 0.88
CA TYR A 6 18.61 1.66 0.98
C TYR A 6 17.56 2.75 1.12
N LEU A 7 16.52 2.71 0.29
CA LEU A 7 15.43 3.68 0.42
C LEU A 7 14.42 2.87 1.21
N VAL A 8 14.24 3.24 2.47
CA VAL A 8 13.39 2.51 3.40
C VAL A 8 12.08 3.13 3.83
N GLY A 9 11.02 2.33 3.78
CA GLY A 9 9.71 2.79 4.21
C GLY A 9 9.55 2.53 5.70
N ALA A 10 9.11 3.55 6.44
CA ALA A 10 8.93 3.41 7.88
C ALA A 10 7.50 3.01 8.25
N GLY A 11 6.63 2.89 7.25
CA GLY A 11 5.26 2.54 7.55
C GLY A 11 4.54 3.81 7.97
N PHE A 12 3.25 3.71 8.27
CA PHE A 12 2.45 4.89 8.64
C PHE A 12 2.48 5.26 10.13
N GLY A 13 2.94 4.33 10.97
CA GLY A 13 2.96 4.63 12.40
C GLY A 13 4.07 3.98 13.21
N GLY A 14 3.67 3.23 14.23
CA GLY A 14 4.62 2.57 15.11
C GLY A 14 5.51 1.55 14.44
N PRO A 15 6.60 1.14 15.11
CA PRO A 15 7.53 0.15 14.56
C PRO A 15 6.96 -1.23 14.33
N GLU A 16 5.80 -1.53 14.90
CA GLU A 16 5.20 -2.85 14.73
C GLU A 16 4.77 -3.07 13.28
N HIS A 17 4.62 -1.98 12.53
CA HIS A 17 4.24 -2.08 11.12
C HIS A 17 5.44 -2.08 10.17
N LEU A 18 6.64 -1.97 10.73
CA LEU A 18 7.86 -2.03 9.92
C LEU A 18 7.93 -3.45 9.38
N THR A 19 8.52 -3.65 8.21
CA THR A 19 8.66 -4.99 7.67
C THR A 19 9.95 -5.56 8.25
N LEU A 20 10.15 -6.86 8.13
CA LEU A 20 11.34 -7.50 8.68
C LEU A 20 12.62 -6.99 8.02
N LYS A 21 12.57 -6.73 6.72
CA LYS A 21 13.74 -6.24 5.99
C LYS A 21 14.06 -4.83 6.49
N ALA A 22 13.02 -4.01 6.64
CA ALA A 22 13.23 -2.65 7.10
C ALA A 22 13.96 -2.68 8.45
N LEU A 23 13.55 -3.59 9.33
CA LEU A 23 14.17 -3.72 10.63
C LEU A 23 15.66 -4.04 10.49
N ARG A 24 15.98 -5.01 9.62
CA ARG A 24 17.38 -5.37 9.44
C ARG A 24 18.20 -4.19 8.94
N VAL A 25 17.68 -3.50 7.94
CA VAL A 25 18.38 -2.34 7.39
C VAL A 25 18.65 -1.28 8.44
N LEU A 26 17.67 -0.99 9.29
CA LEU A 26 17.85 0.02 10.33
C LEU A 26 18.88 -0.40 11.38
N GLU A 27 19.19 -1.68 11.43
CA GLU A 27 20.19 -2.18 12.37
C GLU A 27 21.60 -2.05 11.81
N VAL A 28 21.75 -2.36 10.53
CA VAL A 28 23.04 -2.32 9.88
C VAL A 28 23.44 -0.95 9.28
N ALA A 29 22.48 -0.16 8.82
CA ALA A 29 22.80 1.14 8.24
C ALA A 29 23.68 1.99 9.16
N GLU A 30 24.78 2.50 8.62
CA GLU A 30 25.72 3.33 9.38
C GLU A 30 25.21 4.75 9.58
N VAL A 31 24.45 5.23 8.60
CA VAL A 31 23.88 6.57 8.66
C VAL A 31 22.46 6.48 8.11
N VAL A 32 21.54 7.20 8.73
CA VAL A 32 20.14 7.20 8.31
C VAL A 32 19.60 8.60 8.17
N LEU A 33 19.26 9.00 6.94
CA LEU A 33 18.70 10.33 6.69
C LEU A 33 17.19 10.11 6.76
N HIS A 34 16.60 10.52 7.88
CA HIS A 34 15.17 10.30 8.11
C HIS A 34 14.29 11.54 8.13
N ASP A 35 13.06 11.38 7.64
CA ASP A 35 12.09 12.46 7.64
C ASP A 35 11.86 12.90 9.09
N ARG A 36 11.62 14.19 9.28
CA ARG A 36 11.39 14.73 10.62
C ARG A 36 10.20 14.06 11.33
N LEU A 37 9.14 13.79 10.58
CA LEU A 37 7.93 13.20 11.14
C LEU A 37 7.92 11.66 11.28
N VAL A 38 9.09 11.04 11.33
CA VAL A 38 9.11 9.58 11.47
C VAL A 38 8.89 9.20 12.94
N HIS A 39 7.99 8.25 13.17
CA HIS A 39 7.63 7.79 14.50
C HIS A 39 8.86 7.51 15.37
N PRO A 40 8.84 8.00 16.63
CA PRO A 40 9.93 7.83 17.58
C PRO A 40 10.34 6.37 17.77
N GLY A 41 9.35 5.48 17.82
CA GLY A 41 9.63 4.07 18.00
C GLY A 41 10.42 3.47 16.85
N VAL A 42 10.21 4.00 15.65
CA VAL A 42 10.95 3.52 14.49
C VAL A 42 12.38 4.04 14.55
N LEU A 43 12.55 5.33 14.82
CA LEU A 43 13.89 5.90 14.89
C LEU A 43 14.72 5.18 15.96
N ALA A 44 14.10 4.86 17.09
CA ALA A 44 14.78 4.18 18.19
C ALA A 44 15.43 2.85 17.76
N LEU A 45 14.91 2.23 16.72
CA LEU A 45 15.46 0.96 16.24
C LEU A 45 16.68 1.12 15.34
N ALA A 46 16.96 2.35 14.92
CA ALA A 46 18.12 2.60 14.08
C ALA A 46 19.37 2.61 14.96
N LYS A 47 20.36 1.79 14.62
CA LYS A 47 21.58 1.74 15.43
C LYS A 47 22.74 2.53 14.82
N GLY A 48 22.44 3.28 13.77
CA GLY A 48 23.46 4.10 13.13
C GLY A 48 23.22 5.55 13.50
N GLU A 49 23.92 6.45 12.82
CA GLU A 49 23.79 7.87 13.09
C GLU A 49 22.50 8.43 12.46
N LEU A 50 21.64 9.01 13.29
CA LEU A 50 20.39 9.58 12.79
C LEU A 50 20.58 11.01 12.30
N VAL A 51 20.17 11.26 11.06
CA VAL A 51 20.27 12.59 10.47
C VAL A 51 18.89 13.02 9.98
N PRO A 52 18.22 13.92 10.72
CA PRO A 52 16.89 14.39 10.32
C PRO A 52 16.98 15.29 9.10
N VAL A 53 16.02 15.16 8.19
CA VAL A 53 16.02 15.98 6.98
C VAL A 53 14.66 16.65 6.77
N LYS A 61 12.23 23.50 5.11
CA LYS A 61 12.23 22.22 4.43
C LYS A 61 13.57 21.96 3.73
N THR A 62 14.17 20.83 4.06
CA THR A 62 15.46 20.43 3.47
C THR A 62 15.34 20.19 1.98
N PRO A 63 16.19 20.84 1.17
CA PRO A 63 16.17 20.67 -0.28
C PRO A 63 16.51 19.23 -0.66
N GLN A 64 15.75 18.69 -1.60
CA GLN A 64 15.98 17.33 -2.05
C GLN A 64 17.38 17.16 -2.64
N GLU A 65 17.85 18.21 -3.33
CA GLU A 65 19.18 18.15 -3.94
C GLU A 65 20.23 17.81 -2.89
N ALA A 66 20.06 18.34 -1.69
CA ALA A 66 21.01 18.11 -0.61
C ALA A 66 20.93 16.67 -0.11
N ILE A 67 19.71 16.18 0.05
CA ILE A 67 19.49 14.81 0.52
C ILE A 67 20.12 13.84 -0.48
N THR A 68 19.73 13.96 -1.74
CA THR A 68 20.27 13.05 -2.76
C THR A 68 21.79 13.10 -2.86
N ALA A 69 22.37 14.29 -2.89
CA ALA A 69 23.82 14.40 -3.00
C ALA A 69 24.50 13.72 -1.81
N ARG A 70 23.93 13.90 -0.62
CA ARG A 70 24.53 13.30 0.57
C ARG A 70 24.49 11.77 0.53
N LEU A 71 23.38 11.22 0.06
CA LEU A 71 23.26 9.76 -0.04
C LEU A 71 24.35 9.23 -0.97
N ILE A 72 24.51 9.89 -2.11
CA ILE A 72 25.52 9.50 -3.08
C ILE A 72 26.91 9.69 -2.49
N ALA A 73 27.16 10.83 -1.85
CA ALA A 73 28.47 11.08 -1.25
C ALA A 73 28.83 9.98 -0.24
N LEU A 74 27.89 9.67 0.64
CA LEU A 74 28.11 8.64 1.66
C LEU A 74 28.44 7.28 1.08
N ALA A 75 27.72 6.87 0.04
CA ALA A 75 27.95 5.58 -0.59
C ALA A 75 29.32 5.53 -1.26
N ARG A 76 29.74 6.65 -1.85
CA ARG A 76 31.04 6.68 -2.51
C ARG A 76 32.18 6.63 -1.48
N GLU A 77 31.86 7.00 -0.24
CA GLU A 77 32.82 6.95 0.85
C GLU A 77 32.94 5.49 1.30
N GLY A 78 32.08 4.66 0.73
CA GLY A 78 32.08 3.24 1.05
C GLY A 78 31.15 2.83 2.18
N ARG A 79 30.24 3.72 2.56
CA ARG A 79 29.30 3.44 3.64
C ARG A 79 27.96 2.86 3.19
N VAL A 80 27.32 2.13 4.10
CA VAL A 80 26.00 1.55 3.86
C VAL A 80 25.07 2.52 4.56
N VAL A 81 24.19 3.16 3.80
CA VAL A 81 23.31 4.14 4.40
C VAL A 81 21.86 3.93 4.02
N ALA A 82 20.98 4.61 4.74
CA ALA A 82 19.56 4.48 4.48
C ALA A 82 18.84 5.82 4.50
N ARG A 83 17.85 5.92 3.63
CA ARG A 83 16.98 7.08 3.53
C ARG A 83 15.70 6.50 4.14
N LEU A 84 15.28 7.03 5.29
CA LEU A 84 14.09 6.52 5.99
C LEU A 84 12.93 7.50 5.78
N LYS A 85 11.86 6.99 5.18
CA LYS A 85 10.71 7.81 4.83
C LYS A 85 9.37 7.27 5.34
N GLY A 86 8.48 8.17 5.71
CA GLY A 86 7.16 7.75 6.17
C GLY A 86 6.45 6.97 5.08
N GLY A 87 5.65 5.99 5.49
CA GLY A 87 4.89 5.16 4.56
C GLY A 87 5.80 4.30 3.70
N ASP A 88 5.55 4.28 2.40
CA ASP A 88 6.37 3.53 1.45
C ASP A 88 7.30 4.57 0.82
N PRO A 89 8.58 4.22 0.61
CA PRO A 89 9.53 5.16 0.03
C PRO A 89 9.30 5.64 -1.40
N MET A 90 8.46 4.93 -2.14
CA MET A 90 8.20 5.29 -3.53
C MET A 90 6.86 6.01 -3.76
N VAL A 91 6.02 6.07 -2.73
CA VAL A 91 4.72 6.73 -2.90
C VAL A 91 4.84 8.21 -2.55
N PHE A 92 4.86 9.05 -3.60
CA PHE A 92 5.03 10.48 -3.45
C PHE A 92 6.37 10.65 -2.70
N GLY A 93 6.65 11.83 -2.15
CA GLY A 93 7.90 12.02 -1.42
C GLY A 93 9.23 11.89 -2.17
N ARG A 94 9.20 12.17 -3.48
CA ARG A 94 10.38 12.12 -4.35
C ARG A 94 11.23 10.86 -4.31
N GLY A 95 10.63 9.74 -3.90
CA GLY A 95 11.38 8.50 -3.84
C GLY A 95 11.86 8.06 -5.21
N GLY A 96 11.00 8.19 -6.20
CA GLY A 96 11.37 7.81 -7.55
C GLY A 96 12.53 8.64 -8.06
N GLU A 97 12.58 9.92 -7.66
CA GLU A 97 13.68 10.75 -8.11
C GLU A 97 14.98 10.33 -7.42
N GLU A 98 14.90 9.90 -6.17
CA GLU A 98 16.08 9.45 -5.45
C GLU A 98 16.62 8.19 -6.11
N ALA A 99 15.71 7.26 -6.43
CA ALA A 99 16.12 6.01 -7.08
C ALA A 99 16.79 6.32 -8.42
N LEU A 100 16.18 7.18 -9.22
CA LEU A 100 16.76 7.53 -10.52
C LEU A 100 18.15 8.13 -10.37
N ALA A 101 18.29 9.04 -9.40
CA ALA A 101 19.58 9.69 -9.18
C ALA A 101 20.65 8.67 -8.79
N LEU A 102 20.29 7.70 -7.97
CA LEU A 102 21.26 6.70 -7.54
C LEU A 102 21.69 5.85 -8.73
N ARG A 103 20.71 5.44 -9.53
CA ARG A 103 20.99 4.64 -10.72
C ARG A 103 21.93 5.40 -11.64
N ARG A 104 21.58 6.66 -11.93
CA ARG A 104 22.40 7.47 -12.82
C ARG A 104 23.78 7.78 -12.26
N ALA A 105 23.93 7.72 -10.94
CA ALA A 105 25.23 7.99 -10.33
C ALA A 105 26.05 6.71 -10.21
N GLY A 106 25.44 5.58 -10.56
CA GLY A 106 26.12 4.29 -10.47
C GLY A 106 26.28 3.79 -9.04
N ILE A 107 25.35 4.18 -8.16
CA ILE A 107 25.40 3.78 -6.75
C ILE A 107 24.50 2.59 -6.48
N PRO A 108 25.04 1.52 -5.88
CA PRO A 108 24.18 0.37 -5.61
C PRO A 108 23.08 0.77 -4.63
N PHE A 109 21.85 0.35 -4.90
CA PHE A 109 20.75 0.69 -4.00
C PHE A 109 19.63 -0.33 -4.04
N GLU A 110 18.84 -0.38 -2.97
CA GLU A 110 17.70 -1.28 -2.86
C GLU A 110 16.58 -0.49 -2.23
N VAL A 111 15.35 -0.82 -2.61
CA VAL A 111 14.19 -0.14 -2.05
C VAL A 111 13.46 -1.15 -1.17
N VAL A 112 13.15 -0.72 0.05
CA VAL A 112 12.49 -1.55 1.05
C VAL A 112 11.08 -1.00 1.28
N PRO A 113 10.06 -1.69 0.74
CA PRO A 113 8.64 -1.33 0.86
C PRO A 113 8.16 -1.13 2.28
N GLY A 114 7.17 -0.27 2.45
CA GLY A 114 6.59 -0.03 3.76
C GLY A 114 5.08 0.04 3.63
N VAL A 115 4.37 -0.18 4.74
CA VAL A 115 2.91 -0.07 4.72
C VAL A 115 2.62 1.41 4.48
N THR A 116 1.87 1.73 3.43
CA THR A 116 1.60 3.12 3.07
C THR A 116 0.82 3.96 4.06
N SER A 117 1.08 5.27 3.97
CA SER A 117 0.49 6.30 4.82
C SER A 117 -1.01 6.40 4.60
N ALA A 118 -1.47 6.01 3.42
CA ALA A 118 -2.88 6.07 3.08
C ALA A 118 -3.50 4.71 3.33
N VAL A 119 -3.48 3.86 2.31
CA VAL A 119 -4.03 2.51 2.38
C VAL A 119 -3.67 1.72 3.63
N GLY A 120 -2.41 1.77 4.04
CA GLY A 120 -1.99 1.04 5.21
C GLY A 120 -2.68 1.50 6.49
N ALA A 121 -2.80 2.81 6.67
CA ALA A 121 -3.43 3.35 7.86
C ALA A 121 -4.90 2.94 7.92
N LEU A 122 -5.59 3.07 6.78
CA LEU A 122 -7.00 2.70 6.73
C LEU A 122 -7.20 1.22 7.07
N SER A 123 -6.34 0.36 6.52
CA SER A 123 -6.46 -1.07 6.83
C SER A 123 -6.21 -1.31 8.32
N ALA A 124 -5.26 -0.59 8.90
CA ALA A 124 -4.97 -0.77 10.32
C ALA A 124 -6.21 -0.49 11.16
N LEU A 125 -7.07 0.40 10.67
CA LEU A 125 -8.30 0.74 11.38
C LEU A 125 -9.44 -0.18 10.94
N GLY A 126 -9.10 -1.16 10.11
CA GLY A 126 -10.09 -2.11 9.63
C GLY A 126 -11.10 -1.48 8.69
N LEU A 127 -10.65 -0.48 7.92
CA LEU A 127 -11.53 0.21 6.99
C LEU A 127 -11.19 -0.13 5.54
N PRO A 128 -12.17 -0.62 4.76
CA PRO A 128 -11.98 -0.98 3.36
C PRO A 128 -12.12 0.20 2.40
N LEU A 129 -11.44 0.11 1.25
CA LEU A 129 -11.49 1.14 0.23
C LEU A 129 -12.41 0.68 -0.89
N THR A 130 -12.73 -0.60 -0.89
CA THR A 130 -13.64 -1.17 -1.87
C THR A 130 -14.57 -2.12 -1.15
N HIS A 131 -15.76 -2.33 -1.69
CA HIS A 131 -16.75 -3.22 -1.08
C HIS A 131 -17.86 -3.48 -2.09
N ARG A 132 -18.32 -4.73 -2.14
CA ARG A 132 -19.38 -5.09 -3.09
C ARG A 132 -20.53 -4.09 -3.08
N GLY A 133 -20.88 -3.57 -4.26
CA GLY A 133 -21.97 -2.63 -4.37
C GLY A 133 -21.69 -1.19 -3.99
N LEU A 134 -20.54 -0.93 -3.37
CA LEU A 134 -20.19 0.43 -2.96
C LEU A 134 -19.00 1.02 -3.73
N ALA A 135 -17.98 0.21 -3.95
CA ALA A 135 -16.78 0.65 -4.66
C ALA A 135 -15.98 -0.52 -5.15
N ARG A 136 -15.44 -0.40 -6.36
CA ARG A 136 -14.62 -1.44 -6.95
C ARG A 136 -13.23 -0.90 -7.29
N SER A 137 -13.02 0.39 -7.05
CA SER A 137 -11.73 1.00 -7.36
C SER A 137 -11.44 2.16 -6.43
N PHE A 138 -10.16 2.50 -6.28
CA PHE A 138 -9.79 3.64 -5.46
C PHE A 138 -8.63 4.40 -6.08
N ALA A 139 -8.52 5.68 -5.79
CA ALA A 139 -7.43 6.48 -6.32
C ALA A 139 -6.83 7.24 -5.16
N VAL A 140 -5.55 7.56 -5.28
CA VAL A 140 -4.86 8.29 -4.24
C VAL A 140 -4.19 9.51 -4.86
N ALA A 141 -4.32 10.65 -4.18
CA ALA A 141 -3.70 11.87 -4.69
C ALA A 141 -3.39 12.73 -3.47
N THR A 142 -2.74 13.86 -3.69
CA THR A 142 -2.42 14.76 -2.58
C THR A 142 -3.18 16.06 -2.82
N GLY A 143 -3.07 17.01 -1.90
CA GLY A 143 -3.77 18.27 -2.06
C GLY A 143 -2.83 19.44 -2.30
N HIS A 144 -1.65 19.17 -2.86
CA HIS A 144 -0.67 20.21 -3.11
C HIS A 144 -0.88 21.08 -4.35
N ASP A 145 -1.62 20.58 -5.33
CA ASP A 145 -1.86 21.33 -6.57
C ASP A 145 -3.36 21.56 -6.79
N PRO A 146 -4.00 22.39 -5.93
CA PRO A 146 -5.43 22.72 -5.99
C PRO A 146 -5.97 23.14 -7.35
N ALA A 147 -5.09 23.56 -8.26
CA ALA A 147 -5.52 24.00 -9.57
C ALA A 147 -5.74 22.85 -10.55
N LEU A 148 -5.12 21.71 -10.27
CA LEU A 148 -5.24 20.54 -11.15
C LEU A 148 -6.39 19.60 -10.78
N PRO A 149 -7.00 18.96 -11.79
CA PRO A 149 -8.13 18.04 -11.61
C PRO A 149 -7.80 16.83 -10.73
N LEU A 150 -8.82 16.34 -10.03
CA LEU A 150 -8.67 15.19 -9.16
C LEU A 150 -8.91 13.92 -9.99
N PRO A 151 -8.35 12.78 -9.57
CA PRO A 151 -8.57 11.56 -10.34
C PRO A 151 -10.02 11.13 -10.18
N ARG A 152 -10.41 10.09 -10.92
CA ARG A 152 -11.78 9.55 -10.85
C ARG A 152 -11.74 8.06 -10.47
N ALA A 153 -12.37 7.72 -9.36
CA ALA A 153 -12.44 6.34 -8.88
C ALA A 153 -13.64 6.27 -7.95
N ASP A 154 -14.11 5.08 -7.62
CA ASP A 154 -15.26 4.96 -6.73
C ASP A 154 -14.95 5.49 -5.34
N THR A 155 -13.70 5.34 -4.93
CA THR A 155 -13.23 5.82 -3.62
C THR A 155 -12.01 6.70 -3.85
N LEU A 156 -12.02 7.90 -3.28
CA LEU A 156 -10.89 8.80 -3.42
C LEU A 156 -10.19 9.03 -2.09
N VAL A 157 -8.87 8.85 -2.08
CA VAL A 157 -8.08 9.07 -0.87
C VAL A 157 -7.16 10.26 -1.14
N LEU A 158 -7.20 11.25 -0.26
CA LEU A 158 -6.33 12.41 -0.43
C LEU A 158 -5.41 12.57 0.77
N LEU A 159 -4.12 12.68 0.50
CA LEU A 159 -3.13 12.84 1.54
C LEU A 159 -3.01 14.35 1.79
N MET A 160 -2.97 14.72 3.07
CA MET A 160 -2.84 16.12 3.47
C MET A 160 -3.83 17.04 2.76
N GLY A 167 -11.04 25.54 -0.64
CA GLY A 167 -11.61 25.13 -1.92
C GLY A 167 -11.75 23.63 -2.01
N LEU A 168 -11.43 22.94 -0.91
CA LEU A 168 -11.50 21.49 -0.87
C LEU A 168 -12.89 20.95 -1.18
N LYS A 169 -13.89 21.42 -0.44
CA LYS A 169 -15.26 20.95 -0.65
C LYS A 169 -15.68 21.19 -2.09
N GLU A 170 -15.25 22.32 -2.66
CA GLU A 170 -15.60 22.65 -4.02
C GLU A 170 -15.13 21.58 -5.00
N ARG A 171 -13.82 21.34 -4.96
CA ARG A 171 -13.20 20.35 -5.83
C ARG A 171 -13.74 18.94 -5.68
N LEU A 172 -14.09 18.55 -4.47
CA LEU A 172 -14.63 17.22 -4.24
C LEU A 172 -16.01 17.13 -4.89
N LEU A 173 -16.69 18.27 -4.96
CA LEU A 173 -18.01 18.32 -5.56
C LEU A 173 -17.95 18.03 -7.07
N GLU A 174 -16.76 18.21 -7.64
CA GLU A 174 -16.55 17.95 -9.05
C GLU A 174 -16.36 16.46 -9.31
N ARG A 175 -16.38 15.66 -8.24
CA ARG A 175 -16.19 14.22 -8.36
C ARG A 175 -17.26 13.45 -7.58
N PHE A 176 -17.77 14.06 -6.52
CA PHE A 176 -18.78 13.43 -5.67
C PHE A 176 -19.91 14.38 -5.30
N PRO A 177 -21.12 13.85 -5.13
CA PRO A 177 -22.25 14.71 -4.77
C PRO A 177 -22.06 15.16 -3.31
N PRO A 178 -22.70 16.28 -2.91
CA PRO A 178 -22.57 16.79 -1.55
C PRO A 178 -22.98 15.83 -0.42
N GLU A 179 -23.78 14.83 -0.73
CA GLU A 179 -24.22 13.88 0.29
C GLU A 179 -23.29 12.69 0.48
N THR A 180 -22.25 12.59 -0.34
CA THR A 180 -21.32 11.47 -0.26
C THR A 180 -20.58 11.37 1.08
N PRO A 181 -20.58 10.18 1.69
CA PRO A 181 -19.89 9.96 2.97
C PRO A 181 -18.42 10.33 2.84
N LEU A 182 -17.90 11.01 3.86
CA LEU A 182 -16.51 11.43 3.88
C LEU A 182 -15.89 11.22 5.26
N ALA A 183 -14.63 10.78 5.27
CA ALA A 183 -13.93 10.55 6.52
C ALA A 183 -12.62 11.34 6.56
N LEU A 184 -12.30 11.85 7.74
CA LEU A 184 -11.07 12.60 7.95
C LEU A 184 -10.32 11.86 9.04
N LEU A 185 -9.14 11.35 8.72
CA LEU A 185 -8.36 10.60 9.68
C LEU A 185 -6.99 11.20 9.90
N ALA A 186 -6.75 11.69 11.11
CA ALA A 186 -5.47 12.31 11.42
C ALA A 186 -4.67 11.50 12.42
N ARG A 187 -3.35 11.55 12.26
CA ARG A 187 -2.41 10.86 13.15
C ARG A 187 -2.78 9.42 13.46
N VAL A 188 -3.21 8.67 12.45
CA VAL A 188 -3.58 7.28 12.66
C VAL A 188 -2.36 6.50 13.12
N GLY A 189 -2.53 5.73 14.20
CA GLY A 189 -1.43 4.94 14.73
C GLY A 189 -0.51 5.72 15.65
N TRP A 190 -0.77 7.02 15.79
CA TRP A 190 0.03 7.89 16.64
C TRP A 190 -0.79 8.45 17.80
N PRO A 191 -0.10 8.93 18.85
CA PRO A 191 -0.84 9.51 19.98
C PRO A 191 -1.58 10.72 19.40
N GLY A 192 -2.83 10.93 19.79
CA GLY A 192 -3.57 12.06 19.25
C GLY A 192 -4.33 11.72 17.99
N GLU A 193 -4.48 10.42 17.74
CA GLU A 193 -5.21 9.93 16.58
C GLU A 193 -6.64 10.44 16.63
N ALA A 194 -7.13 10.98 15.52
CA ALA A 194 -8.49 11.51 15.47
C ALA A 194 -9.18 11.17 14.15
N VAL A 195 -10.42 10.69 14.25
CA VAL A 195 -11.20 10.34 13.07
C VAL A 195 -12.56 11.02 13.12
N ARG A 196 -12.96 11.64 12.02
CA ARG A 196 -14.26 12.30 11.93
C ARG A 196 -15.01 11.80 10.71
N LEU A 197 -16.25 11.38 10.92
CA LEU A 197 -17.09 10.86 9.84
C LEU A 197 -18.24 11.80 9.55
N GLY A 198 -18.52 11.98 8.26
CA GLY A 198 -19.61 12.86 7.86
C GLY A 198 -19.87 12.79 6.37
N ARG A 199 -20.07 13.95 5.74
CA ARG A 199 -20.34 14.02 4.31
C ARG A 199 -19.57 15.18 3.71
N VAL A 200 -19.43 15.17 2.38
CA VAL A 200 -18.71 16.23 1.70
C VAL A 200 -19.25 17.61 2.05
N GLU A 201 -20.58 17.73 2.09
CA GLU A 201 -21.21 19.00 2.40
C GLU A 201 -20.84 19.56 3.78
N ASP A 202 -20.48 18.68 4.71
CA ASP A 202 -20.10 19.12 6.05
C ASP A 202 -18.84 19.98 6.07
N LEU A 203 -18.07 19.93 4.99
CA LEU A 203 -16.84 20.72 4.90
C LEU A 203 -17.17 22.20 4.71
N PRO A 204 -16.24 23.10 5.09
CA PRO A 204 -14.93 22.83 5.69
C PRO A 204 -15.01 22.62 7.21
N GLY A 205 -16.16 22.98 7.79
CA GLY A 205 -16.33 22.84 9.22
C GLY A 205 -15.83 21.53 9.79
N LEU A 206 -16.28 20.42 9.22
CA LEU A 206 -15.89 19.08 9.67
C LEU A 206 -14.38 18.94 9.83
N GLY A 207 -13.63 19.75 9.09
CA GLY A 207 -12.18 19.68 9.17
C GLY A 207 -11.55 20.57 10.23
N GLU A 208 -11.52 21.87 9.97
CA GLU A 208 -10.94 22.86 10.87
C GLU A 208 -10.90 22.39 12.32
N GLY A 209 -9.69 22.27 12.85
CA GLY A 209 -9.52 21.82 14.22
C GLY A 209 -8.83 20.47 14.29
N LEU A 210 -8.84 19.76 13.17
CA LEU A 210 -8.23 18.45 13.08
C LEU A 210 -6.71 18.52 13.09
N PRO A 211 -6.05 17.59 13.81
CA PRO A 211 -4.59 17.54 13.90
C PRO A 211 -3.96 17.34 12.50
N SER A 212 -2.64 17.22 12.49
CA SER A 212 -1.90 17.00 11.25
C SER A 212 -0.71 16.06 11.44
N PRO A 213 -0.34 15.31 10.38
CA PRO A 213 -0.97 15.31 9.06
C PRO A 213 -2.26 14.49 9.10
N ALA A 214 -3.08 14.60 8.07
CA ALA A 214 -4.34 13.86 8.04
C ALA A 214 -4.66 13.29 6.66
N LEU A 215 -5.57 12.31 6.65
CA LEU A 215 -6.00 11.65 5.43
C LEU A 215 -7.48 11.94 5.23
N LEU A 216 -7.91 11.90 3.97
CA LEU A 216 -9.29 12.12 3.62
C LEU A 216 -9.71 10.97 2.73
N VAL A 217 -10.88 10.38 3.01
CA VAL A 217 -11.41 9.30 2.19
C VAL A 217 -12.87 9.63 1.89
N VAL A 218 -13.22 9.66 0.61
CA VAL A 218 -14.59 9.97 0.20
C VAL A 218 -15.15 8.94 -0.77
N GLY A 219 -16.45 8.67 -0.65
CA GLY A 219 -17.09 7.70 -1.52
C GLY A 219 -18.11 6.87 -0.76
N LYS A 220 -18.97 6.18 -1.51
CA LYS A 220 -20.00 5.33 -0.92
C LYS A 220 -19.49 4.31 0.09
N VAL A 221 -18.25 3.85 -0.08
CA VAL A 221 -17.71 2.85 0.84
C VAL A 221 -17.52 3.41 2.25
N VAL A 222 -17.33 4.72 2.36
CA VAL A 222 -17.12 5.36 3.66
C VAL A 222 -18.39 5.24 4.52
N GLY A 223 -19.50 4.89 3.89
CA GLY A 223 -20.75 4.75 4.63
C GLY A 223 -20.71 3.61 5.63
N LEU A 224 -19.72 2.73 5.48
CA LEU A 224 -19.58 1.58 6.39
C LEU A 224 -18.66 1.88 7.57
N TYR A 225 -17.96 3.01 7.51
CA TYR A 225 -16.98 3.35 8.53
C TYR A 225 -17.49 3.48 9.96
N GLY A 226 -18.72 3.92 10.13
CA GLY A 226 -19.27 4.06 11.47
C GLY A 226 -19.33 2.72 12.19
N GLU A 227 -19.76 1.70 11.48
CA GLU A 227 -19.87 0.37 12.06
C GLU A 227 -18.55 -0.37 12.16
N LEU A 228 -17.57 0.02 11.33
CA LEU A 228 -16.27 -0.65 11.34
C LEU A 228 -15.16 0.07 12.10
N LEU A 229 -15.28 1.39 12.26
CA LEU A 229 -14.26 2.17 12.94
C LEU A 229 -13.86 1.72 14.35
N PRO A 230 -14.84 1.45 15.23
CA PRO A 230 -14.49 1.01 16.59
C PRO A 230 -13.47 -0.12 16.60
N LYS A 231 -12.61 -0.16 17.62
CA LYS A 231 -11.60 -1.20 17.72
C LYS A 231 -11.96 -2.19 18.81
N ASP A 232 -11.30 -3.34 18.83
CA ASP A 232 -11.57 -4.33 19.87
C ASP A 232 -11.15 -3.72 21.20
N HIS A 233 -12.08 -3.71 22.15
CA HIS A 233 -11.81 -3.11 23.45
C HIS A 233 -11.15 -4.06 24.44
N GLY A 234 -11.05 -5.33 24.08
CA GLY A 234 -10.43 -6.32 24.94
C GLY A 234 -11.22 -6.69 26.18
N LEU A 235 -12.47 -6.23 26.25
CA LEU A 235 -13.32 -6.53 27.39
C LEU A 235 -14.19 -7.76 27.12
N ARG B 2 -11.00 -14.55 25.56
CA ARG B 2 -9.65 -14.78 24.96
C ARG B 2 -9.77 -15.12 23.48
N GLY B 3 -10.98 -15.42 23.02
CA GLY B 3 -11.18 -15.75 21.63
C GLY B 3 -11.09 -14.49 20.79
N LYS B 4 -10.30 -14.53 19.72
CA LYS B 4 -10.15 -13.34 18.89
C LYS B 4 -9.66 -13.71 17.48
N VAL B 5 -10.03 -12.88 16.52
CA VAL B 5 -9.63 -13.09 15.13
C VAL B 5 -8.74 -11.97 14.62
N TYR B 6 -7.67 -12.36 13.91
CA TYR B 6 -6.77 -11.38 13.32
C TYR B 6 -6.86 -11.52 11.80
N LEU B 7 -7.19 -10.42 11.13
CA LEU B 7 -7.23 -10.42 9.66
C LEU B 7 -5.81 -9.94 9.33
N VAL B 8 -4.94 -10.87 8.95
CA VAL B 8 -3.54 -10.55 8.68
C VAL B 8 -3.07 -10.55 7.23
N GLY B 9 -2.32 -9.52 6.87
CA GLY B 9 -1.77 -9.44 5.52
C GLY B 9 -0.41 -10.11 5.54
N ALA B 10 -0.15 -10.93 4.52
CA ALA B 10 1.11 -11.63 4.43
C ALA B 10 2.12 -10.87 3.57
N GLY B 11 1.71 -9.74 3.00
CA GLY B 11 2.62 -9.02 2.13
C GLY B 11 2.55 -9.71 0.78
N PHE B 12 3.17 -9.13 -0.25
CA PHE B 12 3.11 -9.67 -1.60
C PHE B 12 4.04 -10.84 -1.90
N GLY B 13 5.08 -11.01 -1.10
CA GLY B 13 6.02 -12.09 -1.38
C GLY B 13 6.58 -12.85 -0.19
N GLY B 14 7.91 -12.84 -0.08
CA GLY B 14 8.58 -13.55 0.99
C GLY B 14 8.40 -12.97 2.38
N PRO B 15 8.88 -13.70 3.40
CA PRO B 15 8.77 -13.25 4.79
C PRO B 15 9.49 -11.94 5.08
N GLU B 16 10.46 -11.58 4.23
CA GLU B 16 11.20 -10.34 4.43
C GLU B 16 10.30 -9.10 4.38
N HIS B 17 9.14 -9.22 3.72
CA HIS B 17 8.21 -8.10 3.62
C HIS B 17 7.04 -8.18 4.57
N LEU B 18 7.07 -9.16 5.47
CA LEU B 18 6.03 -9.34 6.48
C LEU B 18 6.27 -8.24 7.51
N THR B 19 5.22 -7.69 8.12
CA THR B 19 5.43 -6.68 9.16
C THR B 19 5.72 -7.37 10.49
N LEU B 20 6.33 -6.64 11.42
CA LEU B 20 6.65 -7.20 12.73
C LEU B 20 5.38 -7.71 13.41
N LYS B 21 4.30 -6.93 13.31
CA LYS B 21 3.05 -7.30 13.93
C LYS B 21 2.47 -8.58 13.33
N ALA B 22 2.61 -8.75 12.01
CA ALA B 22 2.10 -9.97 11.38
C ALA B 22 2.94 -11.16 11.86
N LEU B 23 4.24 -10.91 12.05
CA LEU B 23 5.14 -11.95 12.52
C LEU B 23 4.65 -12.41 13.89
N ARG B 24 4.32 -11.44 14.76
CA ARG B 24 3.85 -11.80 16.10
C ARG B 24 2.54 -12.59 16.08
N VAL B 25 1.62 -12.20 15.20
CA VAL B 25 0.35 -12.90 15.11
C VAL B 25 0.58 -14.34 14.65
N LEU B 26 1.52 -14.53 13.72
CA LEU B 26 1.81 -15.87 13.23
C LEU B 26 2.45 -16.73 14.31
N GLU B 27 3.14 -16.10 15.25
CA GLU B 27 3.77 -16.87 16.31
C GLU B 27 2.80 -17.17 17.46
N VAL B 28 1.75 -16.36 17.59
CA VAL B 28 0.77 -16.52 18.65
C VAL B 28 -0.54 -17.24 18.27
N ALA B 29 -1.00 -17.05 17.03
CA ALA B 29 -2.25 -17.68 16.58
C ALA B 29 -2.24 -19.20 16.73
N GLU B 30 -3.38 -19.75 17.15
CA GLU B 30 -3.53 -21.19 17.34
C GLU B 30 -3.92 -21.86 16.03
N VAL B 31 -4.72 -21.16 15.25
CA VAL B 31 -5.19 -21.67 13.96
C VAL B 31 -5.02 -20.57 12.92
N VAL B 32 -4.59 -20.95 11.72
CA VAL B 32 -4.40 -19.98 10.66
C VAL B 32 -5.11 -20.38 9.37
N LEU B 33 -6.21 -19.69 9.05
CA LEU B 33 -6.93 -19.95 7.81
C LEU B 33 -6.26 -19.09 6.75
N HIS B 34 -5.40 -19.70 5.95
CA HIS B 34 -4.66 -18.96 4.93
C HIS B 34 -4.99 -19.29 3.49
N ASP B 35 -4.97 -18.27 2.64
CA ASP B 35 -5.23 -18.44 1.22
C ASP B 35 -4.23 -19.51 0.79
N ARG B 36 -4.71 -20.56 0.15
CA ARG B 36 -3.85 -21.67 -0.27
C ARG B 36 -2.53 -21.28 -0.95
N LEU B 37 -2.44 -20.07 -1.48
CA LEU B 37 -1.22 -19.64 -2.16
C LEU B 37 -0.29 -18.66 -1.46
N VAL B 38 -0.37 -18.56 -0.14
CA VAL B 38 0.51 -17.64 0.59
C VAL B 38 1.94 -18.18 0.48
N HIS B 39 2.91 -17.27 0.34
CA HIS B 39 4.30 -17.66 0.21
C HIS B 39 4.69 -18.67 1.29
N PRO B 40 5.27 -19.82 0.89
CA PRO B 40 5.67 -20.84 1.85
C PRO B 40 6.61 -20.33 2.95
N GLY B 41 7.44 -19.36 2.61
CA GLY B 41 8.36 -18.81 3.60
C GLY B 41 7.60 -18.14 4.71
N VAL B 42 6.42 -17.61 4.39
CA VAL B 42 5.58 -16.94 5.38
C VAL B 42 4.82 -17.98 6.20
N LEU B 43 4.25 -18.97 5.52
CA LEU B 43 3.50 -20.01 6.22
C LEU B 43 4.42 -20.74 7.21
N ALA B 44 5.70 -20.86 6.86
CA ALA B 44 6.67 -21.54 7.70
C ALA B 44 6.82 -20.88 9.07
N LEU B 45 6.47 -19.60 9.15
CA LEU B 45 6.58 -18.86 10.40
C LEU B 45 5.37 -19.07 11.33
N ALA B 46 4.31 -19.67 10.79
CA ALA B 46 3.13 -19.93 11.60
C ALA B 46 3.46 -21.06 12.58
N LYS B 47 3.20 -20.83 13.85
CA LYS B 47 3.48 -21.84 14.87
C LYS B 47 2.24 -22.66 15.19
N GLY B 48 1.08 -22.14 14.86
CA GLY B 48 -0.16 -22.86 15.10
C GLY B 48 -0.42 -23.83 13.97
N GLU B 49 -1.65 -24.31 13.83
CA GLU B 49 -1.97 -25.25 12.76
C GLU B 49 -2.44 -24.54 11.49
N LEU B 50 -1.73 -24.79 10.40
CA LEU B 50 -2.05 -24.20 9.11
C LEU B 50 -3.27 -24.87 8.48
N VAL B 51 -4.31 -24.09 8.23
CA VAL B 51 -5.52 -24.61 7.63
C VAL B 51 -5.73 -23.96 6.26
N PRO B 52 -5.21 -24.59 5.21
CA PRO B 52 -5.35 -24.06 3.85
C PRO B 52 -6.81 -23.82 3.48
N VAL B 53 -7.07 -22.66 2.87
CA VAL B 53 -8.42 -22.29 2.46
C VAL B 53 -8.41 -21.60 1.11
N GLN B 64 -16.28 -18.11 0.53
CA GLN B 64 -16.09 -17.07 1.54
C GLN B 64 -17.02 -17.27 2.73
N GLU B 65 -18.29 -17.52 2.44
CA GLU B 65 -19.30 -17.74 3.47
C GLU B 65 -18.81 -18.72 4.53
N ALA B 66 -18.29 -19.85 4.09
CA ALA B 66 -17.79 -20.87 5.00
C ALA B 66 -16.60 -20.36 5.82
N ILE B 67 -15.64 -19.75 5.13
CA ILE B 67 -14.45 -19.20 5.77
C ILE B 67 -14.84 -18.38 7.00
N THR B 68 -15.72 -17.41 6.80
CA THR B 68 -16.18 -16.55 7.87
C THR B 68 -16.76 -17.36 9.03
N ALA B 69 -17.75 -18.20 8.71
CA ALA B 69 -18.38 -19.03 9.72
C ALA B 69 -17.35 -19.76 10.56
N ARG B 70 -16.27 -20.23 9.92
CA ARG B 70 -15.24 -20.94 10.65
C ARG B 70 -14.46 -20.00 11.55
N LEU B 71 -14.19 -18.77 11.08
CA LEU B 71 -13.46 -17.81 11.92
C LEU B 71 -14.25 -17.61 13.20
N ILE B 72 -15.52 -17.25 13.05
CA ILE B 72 -16.41 -17.00 14.18
C ILE B 72 -16.48 -18.25 15.05
N ALA B 73 -16.69 -19.41 14.43
CA ALA B 73 -16.78 -20.66 15.14
C ALA B 73 -15.57 -20.87 16.04
N LEU B 74 -14.38 -20.72 15.45
CA LEU B 74 -13.14 -20.89 16.20
C LEU B 74 -13.02 -19.90 17.35
N ALA B 75 -13.33 -18.63 17.09
CA ALA B 75 -13.24 -17.61 18.12
C ALA B 75 -14.12 -17.96 19.30
N ARG B 76 -15.37 -18.35 19.02
CA ARG B 76 -16.31 -18.70 20.07
C ARG B 76 -15.85 -19.88 20.92
N GLU B 77 -14.92 -20.68 20.40
CA GLU B 77 -14.39 -21.80 21.15
C GLU B 77 -13.29 -21.27 22.06
N GLY B 78 -13.11 -19.96 22.04
CA GLY B 78 -12.09 -19.33 22.86
C GLY B 78 -10.70 -19.41 22.28
N ARG B 79 -10.61 -19.60 20.97
CA ARG B 79 -9.31 -19.70 20.31
C ARG B 79 -8.88 -18.42 19.60
N VAL B 80 -7.57 -18.22 19.50
CA VAL B 80 -7.02 -17.06 18.81
C VAL B 80 -6.70 -17.56 17.42
N VAL B 81 -7.41 -17.02 16.43
CA VAL B 81 -7.23 -17.46 15.05
C VAL B 81 -6.78 -16.32 14.15
N ALA B 82 -6.10 -16.68 13.06
CA ALA B 82 -5.64 -15.69 12.10
C ALA B 82 -6.08 -16.05 10.69
N ARG B 83 -6.62 -15.07 10.00
CA ARG B 83 -7.05 -15.23 8.61
C ARG B 83 -5.87 -14.62 7.86
N LEU B 84 -5.04 -15.46 7.26
CA LEU B 84 -3.86 -14.98 6.53
C LEU B 84 -4.10 -14.83 5.03
N LYS B 85 -3.95 -13.60 4.54
CA LYS B 85 -4.16 -13.30 3.11
C LYS B 85 -2.93 -12.68 2.49
N GLY B 86 -2.73 -12.91 1.20
CA GLY B 86 -1.60 -12.30 0.52
C GLY B 86 -1.82 -10.80 0.47
N GLY B 87 -0.73 -10.05 0.47
CA GLY B 87 -0.82 -8.60 0.41
C GLY B 87 -1.41 -7.99 1.67
N ASP B 88 -2.37 -7.09 1.50
CA ASP B 88 -3.03 -6.45 2.63
C ASP B 88 -4.43 -7.06 2.78
N PRO B 89 -4.86 -7.33 4.02
CA PRO B 89 -6.15 -7.93 4.40
C PRO B 89 -7.41 -7.20 3.92
N MET B 90 -7.32 -5.89 3.76
CA MET B 90 -8.47 -5.09 3.36
C MET B 90 -8.46 -4.63 1.91
N VAL B 91 -7.40 -4.94 1.18
CA VAL B 91 -7.31 -4.51 -0.21
C VAL B 91 -7.76 -5.56 -1.21
N PHE B 92 -8.81 -5.23 -1.94
CA PHE B 92 -9.39 -6.08 -2.98
C PHE B 92 -9.63 -7.55 -2.68
N GLY B 93 -10.29 -7.80 -1.57
CA GLY B 93 -10.63 -9.16 -1.22
C GLY B 93 -12.05 -9.03 -0.73
N ARG B 94 -12.29 -9.60 0.42
CA ARG B 94 -13.60 -9.52 1.03
C ARG B 94 -13.32 -9.14 2.47
N GLY B 95 -12.17 -8.47 2.66
CA GLY B 95 -11.76 -8.05 3.99
C GLY B 95 -12.85 -7.23 4.65
N GLY B 96 -13.47 -6.36 3.87
CA GLY B 96 -14.53 -5.53 4.40
C GLY B 96 -15.71 -6.41 4.81
N GLU B 97 -15.99 -7.43 3.99
CA GLU B 97 -17.10 -8.33 4.30
C GLU B 97 -16.78 -9.10 5.57
N GLU B 98 -15.55 -9.58 5.68
CA GLU B 98 -15.14 -10.35 6.85
C GLU B 98 -15.22 -9.51 8.12
N ALA B 99 -14.74 -8.27 8.05
CA ALA B 99 -14.76 -7.39 9.21
C ALA B 99 -16.20 -7.13 9.62
N LEU B 100 -17.05 -6.76 8.66
CA LEU B 100 -18.46 -6.51 8.96
C LEU B 100 -19.09 -7.72 9.64
N ALA B 101 -18.82 -8.90 9.11
CA ALA B 101 -19.37 -10.13 9.68
C ALA B 101 -18.90 -10.33 11.12
N LEU B 102 -17.59 -10.20 11.34
CA LEU B 102 -17.03 -10.36 12.68
C LEU B 102 -17.66 -9.39 13.67
N ARG B 103 -17.75 -8.13 13.26
CA ARG B 103 -18.33 -7.10 14.12
C ARG B 103 -19.81 -7.35 14.41
N ARG B 104 -20.57 -7.67 13.37
CA ARG B 104 -22.00 -7.94 13.55
C ARG B 104 -22.21 -9.20 14.37
N ALA B 105 -21.19 -10.05 14.43
CA ALA B 105 -21.28 -11.28 15.20
C ALA B 105 -20.69 -11.04 16.59
N GLY B 106 -20.28 -9.80 16.84
CA GLY B 106 -19.70 -9.44 18.12
C GLY B 106 -18.40 -10.14 18.46
N ILE B 107 -17.66 -10.56 17.43
CA ILE B 107 -16.40 -11.24 17.65
C ILE B 107 -15.25 -10.23 17.71
N PRO B 108 -14.37 -10.35 18.73
CA PRO B 108 -13.24 -9.42 18.85
C PRO B 108 -12.29 -9.63 17.68
N PHE B 109 -11.82 -8.56 17.05
CA PHE B 109 -10.89 -8.74 15.95
C PHE B 109 -10.00 -7.54 15.73
N GLU B 110 -8.90 -7.79 15.05
CA GLU B 110 -7.94 -6.74 14.75
C GLU B 110 -7.42 -6.97 13.33
N VAL B 111 -7.22 -5.90 12.60
CA VAL B 111 -6.70 -6.00 11.23
C VAL B 111 -5.24 -5.60 11.23
N VAL B 112 -4.42 -6.47 10.67
CA VAL B 112 -2.97 -6.27 10.61
C VAL B 112 -2.58 -6.05 9.15
N PRO B 113 -2.27 -4.80 8.79
CA PRO B 113 -1.87 -4.41 7.43
C PRO B 113 -0.63 -5.13 6.89
N GLY B 114 -0.58 -5.28 5.57
CA GLY B 114 0.55 -5.91 4.93
C GLY B 114 0.90 -5.11 3.69
N VAL B 115 2.10 -5.28 3.19
CA VAL B 115 2.54 -4.59 1.99
C VAL B 115 1.76 -5.15 0.79
N THR B 116 1.01 -4.30 0.11
CA THR B 116 0.22 -4.73 -1.04
C THR B 116 1.08 -5.07 -2.26
N SER B 117 0.52 -5.82 -3.21
CA SER B 117 1.29 -6.10 -4.42
C SER B 117 1.18 -4.85 -5.31
N ALA B 118 0.01 -4.22 -5.30
CA ALA B 118 -0.26 -3.03 -6.11
C ALA B 118 0.79 -1.94 -5.98
N VAL B 119 1.27 -1.73 -4.75
CA VAL B 119 2.29 -0.72 -4.49
C VAL B 119 3.60 -1.38 -4.09
N GLY B 120 3.51 -2.30 -3.13
CA GLY B 120 4.66 -3.00 -2.62
C GLY B 120 5.54 -3.75 -3.62
N ALA B 121 4.91 -4.49 -4.53
CA ALA B 121 5.67 -5.23 -5.54
C ALA B 121 6.46 -4.27 -6.43
N LEU B 122 5.85 -3.14 -6.78
CA LEU B 122 6.53 -2.16 -7.61
C LEU B 122 7.67 -1.54 -6.81
N SER B 123 7.39 -1.14 -5.58
CA SER B 123 8.41 -0.53 -4.72
C SER B 123 9.61 -1.46 -4.50
N ALA B 124 9.34 -2.73 -4.26
CA ALA B 124 10.40 -3.71 -4.03
C ALA B 124 11.36 -3.74 -5.20
N LEU B 125 10.84 -3.47 -6.40
CA LEU B 125 11.68 -3.47 -7.60
C LEU B 125 12.31 -2.11 -7.85
N GLY B 126 12.00 -1.14 -7.00
CA GLY B 126 12.53 0.20 -7.16
C GLY B 126 11.75 1.01 -8.18
N LEU B 127 10.47 0.65 -8.36
CA LEU B 127 9.61 1.32 -9.33
C LEU B 127 8.52 2.14 -8.66
N PRO B 128 8.44 3.44 -9.00
CA PRO B 128 7.45 4.34 -8.42
C PRO B 128 6.16 4.44 -9.22
N LEU B 129 5.07 4.77 -8.54
CA LEU B 129 3.77 4.96 -9.19
C LEU B 129 3.59 6.48 -9.36
N THR B 130 4.42 7.25 -8.68
CA THR B 130 4.34 8.71 -8.73
C THR B 130 5.70 9.34 -8.99
N HIS B 131 5.68 10.56 -9.52
CA HIS B 131 6.88 11.34 -9.84
C HIS B 131 6.37 12.76 -10.13
N ARG B 132 6.93 13.77 -9.47
CA ARG B 132 6.43 15.14 -9.66
C ARG B 132 6.26 15.62 -11.09
N GLY B 133 7.10 15.11 -11.99
CA GLY B 133 6.99 15.53 -13.37
C GLY B 133 6.15 14.64 -14.26
N LEU B 134 5.91 13.40 -13.83
CA LEU B 134 5.17 12.44 -14.65
C LEU B 134 3.85 11.89 -14.13
N ALA B 135 3.63 11.91 -12.81
CA ALA B 135 2.40 11.33 -12.27
C ALA B 135 2.13 11.84 -10.86
N ARG B 136 0.96 12.44 -10.67
CA ARG B 136 0.58 12.99 -9.37
C ARG B 136 -0.64 12.32 -8.76
N SER B 137 -0.99 11.16 -9.30
CA SER B 137 -2.13 10.40 -8.79
C SER B 137 -2.02 8.99 -9.33
N PHE B 138 -2.61 8.05 -8.60
CA PHE B 138 -2.65 6.67 -9.06
C PHE B 138 -3.95 6.05 -8.63
N ALA B 139 -4.38 5.03 -9.36
CA ALA B 139 -5.63 4.35 -9.05
C ALA B 139 -5.37 2.86 -9.17
N VAL B 140 -6.12 2.08 -8.40
CA VAL B 140 -5.98 0.62 -8.41
C VAL B 140 -7.36 0.00 -8.61
N ALA B 141 -7.42 -1.05 -9.42
CA ALA B 141 -8.68 -1.75 -9.68
C ALA B 141 -8.28 -3.16 -10.12
N THR B 142 -9.26 -4.02 -10.37
CA THR B 142 -8.96 -5.37 -10.84
C THR B 142 -9.22 -5.36 -12.34
N GLY B 143 -8.72 -6.37 -13.04
CA GLY B 143 -8.93 -6.43 -14.47
C GLY B 143 -9.70 -7.68 -14.85
N HIS B 144 -10.43 -8.23 -13.89
CA HIS B 144 -11.22 -9.44 -14.10
C HIS B 144 -12.44 -9.24 -15.00
N ASP B 145 -13.00 -8.02 -14.96
CA ASP B 145 -14.19 -7.70 -15.76
C ASP B 145 -13.92 -6.52 -16.70
N PRO B 146 -13.38 -6.82 -17.88
CA PRO B 146 -13.04 -5.84 -18.92
C PRO B 146 -14.14 -4.98 -19.52
N ALA B 147 -15.41 -5.32 -19.26
CA ALA B 147 -16.49 -4.52 -19.81
C ALA B 147 -16.66 -3.23 -19.00
N LEU B 148 -16.22 -3.27 -17.75
CA LEU B 148 -16.33 -2.12 -16.86
C LEU B 148 -15.35 -0.97 -17.12
N PRO B 149 -15.81 0.28 -17.04
CA PRO B 149 -14.92 1.42 -17.28
C PRO B 149 -13.87 1.46 -16.16
N LEU B 150 -12.67 1.91 -16.50
CA LEU B 150 -11.59 1.98 -15.53
C LEU B 150 -11.54 3.33 -14.84
N PRO B 151 -10.86 3.40 -13.69
CA PRO B 151 -10.78 4.70 -13.01
C PRO B 151 -9.87 5.56 -13.86
N ARG B 152 -9.71 6.82 -13.48
CA ARG B 152 -8.82 7.71 -14.20
C ARG B 152 -7.82 8.32 -13.23
N ALA B 153 -6.54 8.13 -13.51
CA ALA B 153 -5.47 8.69 -12.69
C ALA B 153 -4.23 8.74 -13.58
N ASP B 154 -3.18 9.44 -13.14
CA ASP B 154 -1.98 9.52 -13.96
C ASP B 154 -1.36 8.13 -14.14
N THR B 155 -1.44 7.32 -13.08
CA THR B 155 -0.91 5.96 -13.10
C THR B 155 -2.00 4.99 -12.69
N LEU B 156 -2.22 3.94 -13.49
CA LEU B 156 -3.23 2.96 -13.13
C LEU B 156 -2.57 1.61 -12.91
N VAL B 157 -3.01 0.90 -11.87
CA VAL B 157 -2.47 -0.41 -11.55
C VAL B 157 -3.65 -1.35 -11.55
N LEU B 158 -3.57 -2.42 -12.35
CA LEU B 158 -4.65 -3.40 -12.39
C LEU B 158 -4.16 -4.78 -11.97
N LEU B 159 -4.92 -5.42 -11.10
CA LEU B 159 -4.63 -6.77 -10.62
C LEU B 159 -5.53 -7.59 -11.54
N MET B 160 -4.97 -8.42 -12.42
CA MET B 160 -5.87 -9.13 -13.32
C MET B 160 -5.41 -10.44 -13.90
N PRO B 161 -6.36 -11.28 -14.34
CA PRO B 161 -6.03 -12.58 -14.94
C PRO B 161 -5.48 -12.21 -16.31
N LEU B 162 -4.40 -12.85 -16.72
CA LEU B 162 -3.81 -12.53 -18.01
C LEU B 162 -4.73 -12.74 -19.19
N HIS B 163 -5.79 -13.53 -19.02
CA HIS B 163 -6.69 -13.80 -20.13
C HIS B 163 -7.62 -12.64 -20.51
N THR B 164 -7.64 -11.58 -19.71
CA THR B 164 -8.50 -10.44 -20.01
C THR B 164 -7.74 -9.28 -20.64
N LEU B 165 -6.45 -9.47 -20.93
CA LEU B 165 -5.66 -8.40 -21.53
C LEU B 165 -6.26 -7.82 -22.80
N GLY B 166 -6.79 -8.67 -23.67
CA GLY B 166 -7.39 -8.20 -24.90
C GLY B 166 -8.52 -7.22 -24.64
N GLY B 167 -9.42 -7.59 -23.72
CA GLY B 167 -10.54 -6.73 -23.38
C GLY B 167 -10.11 -5.48 -22.64
N LEU B 168 -9.12 -5.60 -21.76
CA LEU B 168 -8.65 -4.44 -21.01
C LEU B 168 -8.00 -3.42 -21.94
N LYS B 169 -7.38 -3.89 -23.04
CA LYS B 169 -6.74 -2.98 -23.98
C LYS B 169 -7.76 -1.95 -24.45
N GLU B 170 -8.98 -2.40 -24.70
CA GLU B 170 -10.04 -1.52 -25.15
C GLU B 170 -10.31 -0.43 -24.10
N ARG B 171 -10.45 -0.85 -22.84
CA ARG B 171 -10.71 0.09 -21.76
C ARG B 171 -9.52 1.03 -21.55
N LEU B 172 -8.31 0.51 -21.74
CA LEU B 172 -7.11 1.31 -21.54
C LEU B 172 -6.94 2.40 -22.60
N LEU B 173 -7.29 2.09 -23.85
CA LEU B 173 -7.17 3.08 -24.91
C LEU B 173 -8.16 4.21 -24.65
N GLU B 174 -9.19 3.93 -23.84
CA GLU B 174 -10.19 4.93 -23.50
C GLU B 174 -9.69 5.80 -22.33
N ARG B 175 -8.48 5.52 -21.87
CA ARG B 175 -7.87 6.27 -20.77
C ARG B 175 -6.47 6.78 -21.10
N PHE B 176 -5.78 6.11 -22.00
CA PHE B 176 -4.41 6.47 -22.35
C PHE B 176 -4.10 6.38 -23.85
N PRO B 177 -3.19 7.23 -24.35
CA PRO B 177 -2.82 7.18 -25.77
C PRO B 177 -2.17 5.81 -25.99
N PRO B 178 -2.26 5.27 -27.21
CA PRO B 178 -1.67 3.95 -27.49
C PRO B 178 -0.18 3.79 -27.20
N GLU B 179 0.57 4.88 -27.30
CA GLU B 179 2.01 4.84 -27.08
C GLU B 179 2.41 4.93 -25.60
N THR B 180 1.41 5.02 -24.73
CA THR B 180 1.68 5.13 -23.30
C THR B 180 2.45 3.93 -22.75
N PRO B 181 3.53 4.19 -21.98
CA PRO B 181 4.30 3.09 -21.41
C PRO B 181 3.41 2.21 -20.53
N LEU B 182 3.63 0.90 -20.60
CA LEU B 182 2.84 -0.05 -19.82
C LEU B 182 3.75 -1.20 -19.43
N ALA B 183 3.56 -1.70 -18.22
CA ALA B 183 4.37 -2.83 -17.73
C ALA B 183 3.49 -3.95 -17.21
N LEU B 184 3.96 -5.18 -17.36
CA LEU B 184 3.26 -6.34 -16.81
C LEU B 184 4.26 -6.95 -15.85
N LEU B 185 3.85 -7.13 -14.60
CA LEU B 185 4.75 -7.68 -13.57
C LEU B 185 4.11 -8.94 -12.99
N ALA B 186 4.78 -10.08 -13.16
CA ALA B 186 4.23 -11.34 -12.66
C ALA B 186 5.09 -11.98 -11.57
N ARG B 187 4.44 -12.55 -10.57
CA ARG B 187 5.13 -13.24 -9.48
C ARG B 187 6.29 -12.46 -8.89
N VAL B 188 6.12 -11.15 -8.71
CA VAL B 188 7.20 -10.36 -8.15
C VAL B 188 7.49 -10.82 -6.72
N GLY B 189 8.76 -11.09 -6.44
CA GLY B 189 9.15 -11.52 -5.11
C GLY B 189 9.02 -13.01 -4.93
N TRP B 190 8.62 -13.69 -6.00
CA TRP B 190 8.44 -15.14 -5.98
C TRP B 190 9.30 -15.79 -7.05
N PRO B 191 9.47 -17.12 -6.97
CA PRO B 191 10.29 -17.77 -8.00
C PRO B 191 9.43 -17.65 -9.26
N GLY B 192 10.04 -17.32 -10.39
CA GLY B 192 9.27 -17.18 -11.61
C GLY B 192 8.93 -15.72 -11.89
N GLU B 193 9.48 -14.82 -11.07
CA GLU B 193 9.26 -13.38 -11.25
C GLU B 193 9.63 -13.01 -12.68
N ALA B 194 8.75 -12.28 -13.35
CA ALA B 194 9.00 -11.86 -14.72
C ALA B 194 8.42 -10.47 -14.98
N VAL B 195 9.15 -9.64 -15.69
CA VAL B 195 8.69 -8.28 -16.00
C VAL B 195 8.74 -8.01 -17.50
N ARG B 196 7.65 -7.44 -18.03
CA ARG B 196 7.57 -7.08 -19.45
C ARG B 196 7.31 -5.59 -19.52
N LEU B 197 8.09 -4.89 -20.34
CA LEU B 197 7.94 -3.45 -20.50
C LEU B 197 7.57 -3.15 -21.95
N GLY B 198 6.54 -2.34 -22.15
CA GLY B 198 6.14 -2.00 -23.50
C GLY B 198 5.22 -0.80 -23.48
N ARG B 199 4.21 -0.82 -24.34
CA ARG B 199 3.24 0.26 -24.45
C ARG B 199 1.83 -0.31 -24.56
N VAL B 200 0.83 0.53 -24.31
CA VAL B 200 -0.55 0.05 -24.38
C VAL B 200 -0.82 -0.69 -25.69
N GLU B 201 -0.30 -0.17 -26.80
CA GLU B 201 -0.54 -0.79 -28.10
C GLU B 201 0.02 -2.21 -28.22
N ASP B 202 0.98 -2.58 -27.35
CA ASP B 202 1.57 -3.91 -27.40
C ASP B 202 0.66 -5.00 -26.82
N LEU B 203 -0.43 -4.60 -26.15
CA LEU B 203 -1.35 -5.57 -25.59
C LEU B 203 -2.13 -6.21 -26.74
N PRO B 204 -2.53 -7.49 -26.60
CA PRO B 204 -2.28 -8.35 -25.46
C PRO B 204 -0.98 -9.16 -25.60
N GLY B 205 -0.38 -9.12 -26.78
CA GLY B 205 0.84 -9.88 -27.02
C GLY B 205 1.97 -9.65 -26.04
N LEU B 206 1.99 -8.47 -25.43
CA LEU B 206 3.05 -8.16 -24.49
C LEU B 206 3.10 -9.17 -23.35
N GLY B 207 1.95 -9.76 -23.01
CA GLY B 207 1.91 -10.72 -21.91
C GLY B 207 1.97 -12.19 -22.31
N GLU B 208 2.23 -12.45 -23.58
CA GLU B 208 2.30 -13.83 -24.07
C GLU B 208 3.23 -14.70 -23.23
N GLY B 209 2.70 -15.78 -22.67
CA GLY B 209 3.51 -16.69 -21.88
C GLY B 209 3.83 -16.30 -20.45
N LEU B 210 3.35 -15.14 -20.01
CA LEU B 210 3.62 -14.69 -18.64
C LEU B 210 2.90 -15.55 -17.63
N PRO B 211 3.57 -15.85 -16.51
CA PRO B 211 2.94 -16.67 -15.46
C PRO B 211 2.02 -15.84 -14.59
N SER B 212 1.28 -16.51 -13.71
CA SER B 212 0.37 -15.84 -12.80
C SER B 212 0.82 -16.08 -11.38
N PRO B 213 0.45 -15.18 -10.45
CA PRO B 213 -0.36 -13.98 -10.68
C PRO B 213 0.46 -12.84 -11.24
N ALA B 214 -0.20 -11.89 -11.92
CA ALA B 214 0.50 -10.73 -12.50
C ALA B 214 -0.31 -9.43 -12.36
N LEU B 215 0.38 -8.30 -12.49
CA LEU B 215 -0.31 -7.02 -12.43
C LEU B 215 0.13 -6.17 -13.63
N LEU B 216 -0.67 -5.16 -13.95
CA LEU B 216 -0.42 -4.26 -15.06
C LEU B 216 -0.30 -2.84 -14.49
N VAL B 217 0.70 -2.10 -14.97
CA VAL B 217 0.89 -0.72 -14.51
C VAL B 217 1.01 0.10 -15.79
N VAL B 218 0.28 1.22 -15.86
CA VAL B 218 0.31 2.03 -17.07
C VAL B 218 0.30 3.52 -16.76
N GLY B 219 1.02 4.28 -17.57
CA GLY B 219 1.09 5.72 -17.36
C GLY B 219 2.47 6.24 -17.69
N LYS B 220 2.59 7.55 -17.81
CA LYS B 220 3.87 8.14 -18.13
C LYS B 220 5.02 7.75 -17.22
N VAL B 221 4.74 7.49 -15.94
CA VAL B 221 5.81 7.14 -15.02
C VAL B 221 6.48 5.82 -15.38
N VAL B 222 5.71 4.96 -16.05
CA VAL B 222 6.22 3.65 -16.45
C VAL B 222 7.38 3.78 -17.44
N GLY B 223 7.49 4.95 -18.07
CA GLY B 223 8.58 5.17 -19.01
C GLY B 223 9.94 5.13 -18.32
N LEU B 224 9.94 5.27 -17.00
CA LEU B 224 11.18 5.25 -16.23
C LEU B 224 11.67 3.86 -15.83
N TYR B 225 10.77 2.88 -15.93
CA TYR B 225 11.08 1.52 -15.48
C TYR B 225 12.27 0.82 -16.13
N GLY B 226 12.46 1.03 -17.43
CA GLY B 226 13.58 0.42 -18.12
C GLY B 226 14.89 0.89 -17.53
N GLU B 227 15.00 2.19 -17.23
CA GLU B 227 16.22 2.70 -16.65
C GLU B 227 16.40 2.30 -15.17
N LEU B 228 15.29 2.25 -14.44
CA LEU B 228 15.33 1.91 -13.02
C LEU B 228 15.64 0.45 -12.71
N LEU B 229 15.21 -0.45 -13.58
CA LEU B 229 15.46 -1.87 -13.38
C LEU B 229 16.89 -2.25 -13.75
N PRO B 230 17.43 -3.30 -13.11
CA PRO B 230 18.79 -3.74 -13.40
C PRO B 230 18.83 -4.25 -14.85
N LYS B 231 20.00 -4.19 -15.49
CA LYS B 231 20.13 -4.66 -16.86
C LYS B 231 19.73 -6.13 -17.00
#